data_4CXX
#
_entry.id   4CXX
#
_cell.length_a   140.717
_cell.length_b   140.717
_cell.length_c   83.306
_cell.angle_alpha   90.00
_cell.angle_beta   90.00
_cell.angle_gamma   120.00
#
_symmetry.space_group_name_H-M   'H 3'
#
loop_
_entity.id
_entity.type
_entity.pdbx_description
1 polymer 'ALPHA-KETOGLUTARATE-DEPENDENT DIOXYGENASE FTO'
2 non-polymer 'NICKEL (II) ION'
3 non-polymer "(2E)-4-{N'-[4-(4-tert-Butyl-benzyl)-pyridine-3-carbonyl]-hydrazino}-4-oxo-but-2-enoic acid"
4 water water
#
_entity_poly.entity_id   1
_entity_poly.type   'polypeptide(L)'
_entity_poly.pdbx_seq_one_letter_code
;MGSSHHHHHHSSGLVPRGSHMTPKDDEFYQQWQLKYPKLILREASSVSEELHKEVQEAFLTLHKHGCLFRDLVRIQGKDL
LTPVSRILIGNPGCTYKYLNTRLFTVPWPVKGSNIKHTEAEIAAACETFLKLNDYLQIETIQALEELAAKEKANEDAVPL
CMSADFPRVGMGSSYNGQDEVDIKSRAAYNVTLLNFMDPQKMPYLKEEPYFGMGKMAVSWHHDENLVDRSAVAVYSYSCE
GPEEESEDDSHLEGRDPDIWHVGFKISWDIETPGLAIPLHQGDCYFMLDDLNATHQHCVLAGSQPRFSSTHRVAECSTGT
LDYILQRCQLALQNVCDDVDNDDVSLKSFEPAVLKQGEEIHNEVEFEWLRQFWFQGNRYRKCTDWWCQPMAQLEALWKKM
EGVTNAVLHEVKREGLPVEQRNEILTAILASLTARQNLRREWHARCQSRIARTLPADQKPECRPYWEKDDASMPLPFDLT
DIVSELRGQLLEAKP
;
_entity_poly.pdbx_strand_id   A
#
loop_
_chem_comp.id
_chem_comp.type
_chem_comp.name
_chem_comp.formula
640 non-polymer '(2E)-4-{N'-[4-(4-tert-Butyl-benzyl)-pyridine-3-carbonyl]-hydrazino}-4-oxo-but-2-enoic acid' 'C21 H23 N3 O4'
NI non-polymer 'NICKEL (II) ION' 'Ni 2'
#
# COMPACT_ATOMS: atom_id res chain seq x y z
N ARG A 17 19.64 -24.60 -15.31
CA ARG A 17 18.33 -24.35 -15.91
C ARG A 17 18.02 -22.86 -15.95
N GLY A 18 19.03 -22.03 -16.19
CA GLY A 18 18.80 -20.62 -16.39
C GLY A 18 18.12 -20.33 -17.73
N SER A 19 16.89 -20.81 -17.92
CA SER A 19 16.22 -20.70 -19.22
C SER A 19 14.92 -19.88 -19.20
N HIS A 20 14.74 -19.01 -20.18
CA HIS A 20 13.41 -18.41 -20.37
C HIS A 20 12.92 -18.50 -21.82
N MET A 21 11.64 -18.26 -22.03
CA MET A 21 11.05 -18.27 -23.37
C MET A 21 10.45 -16.90 -23.66
N THR A 22 10.20 -16.66 -24.94
CA THR A 22 9.50 -15.47 -25.44
C THR A 22 8.81 -15.86 -26.72
N PRO A 23 7.98 -14.96 -27.28
CA PRO A 23 7.24 -15.36 -28.49
C PRO A 23 8.17 -15.86 -29.62
N LYS A 24 9.48 -15.62 -29.48
CA LYS A 24 10.47 -16.07 -30.47
C LYS A 24 10.62 -17.58 -30.44
N ASP A 25 10.26 -18.20 -29.31
CA ASP A 25 10.30 -19.66 -29.20
C ASP A 25 8.91 -20.25 -29.38
N ASP A 26 8.81 -21.36 -30.11
CA ASP A 26 7.52 -22.00 -30.36
C ASP A 26 7.08 -22.77 -29.13
N GLU A 27 8.05 -23.27 -28.38
CA GLU A 27 7.74 -23.87 -27.09
C GLU A 27 6.86 -22.89 -26.31
N PHE A 28 7.18 -21.60 -26.42
CA PHE A 28 6.59 -20.54 -25.61
C PHE A 28 5.05 -20.55 -25.52
N TYR A 29 4.37 -20.88 -26.61
CA TYR A 29 2.91 -20.74 -26.62
C TYR A 29 2.21 -21.90 -25.96
N GLN A 30 2.89 -23.03 -25.81
CA GLN A 30 2.25 -24.15 -25.14
C GLN A 30 2.67 -24.17 -23.70
N GLN A 31 3.89 -23.74 -23.46
CA GLN A 31 4.35 -23.53 -22.10
C GLN A 31 3.49 -22.46 -21.48
N TRP A 32 2.91 -21.62 -22.34
CA TRP A 32 1.97 -20.60 -21.90
C TRP A 32 0.67 -21.30 -21.50
N GLN A 33 0.04 -21.97 -22.46
CA GLN A 33 -1.28 -22.56 -22.24
C GLN A 33 -1.39 -23.55 -21.06
N LEU A 34 -0.32 -24.28 -20.74
CA LEU A 34 -0.44 -25.28 -19.67
C LEU A 34 0.65 -25.14 -18.60
N LYS A 35 1.02 -23.89 -18.32
CA LYS A 35 1.80 -23.60 -17.11
C LYS A 35 1.06 -22.35 -16.60
N TYR A 36 1.16 -21.24 -17.36
CA TYR A 36 0.50 -19.95 -17.05
C TYR A 36 -0.77 -19.52 -17.80
N PRO A 37 -1.85 -20.31 -17.77
CA PRO A 37 -3.01 -19.95 -18.59
C PRO A 37 -3.85 -18.88 -17.92
N LYS A 38 -3.49 -18.53 -16.69
CA LYS A 38 -4.16 -17.44 -15.96
C LYS A 38 -3.50 -16.08 -16.20
N LEU A 39 -2.55 -16.07 -17.13
CA LEU A 39 -2.00 -14.84 -17.72
C LEU A 39 -2.72 -14.51 -19.03
N ILE A 40 -3.30 -13.31 -19.11
CA ILE A 40 -3.95 -12.85 -20.33
C ILE A 40 -3.15 -11.70 -20.92
N LEU A 41 -3.20 -11.56 -22.24
CA LEU A 41 -2.46 -10.54 -22.94
C LEU A 41 -3.31 -9.99 -24.08
N ARG A 42 -3.88 -8.82 -23.86
CA ARG A 42 -4.54 -8.12 -24.95
C ARG A 42 -3.62 -7.01 -25.50
N GLU A 43 -3.04 -7.25 -26.68
CA GLU A 43 -2.45 -6.21 -27.53
C GLU A 43 -3.21 -4.87 -27.70
N ALA A 44 -2.46 -3.79 -27.91
CA ALA A 44 -3.04 -2.44 -27.93
C ALA A 44 -4.29 -2.16 -28.79
N SER A 45 -4.67 -3.12 -29.63
CA SER A 45 -5.84 -2.99 -30.48
C SER A 45 -7.15 -3.06 -29.68
N SER A 46 -7.08 -3.66 -28.49
CA SER A 46 -8.26 -3.82 -27.64
C SER A 46 -8.56 -2.51 -26.93
N VAL A 47 -7.95 -1.44 -27.42
CA VAL A 47 -8.08 -0.12 -26.82
C VAL A 47 -8.13 0.95 -27.93
N SER A 48 -9.24 1.68 -27.98
CA SER A 48 -9.40 2.76 -28.95
C SER A 48 -8.22 3.73 -28.92
N GLU A 49 -7.85 4.27 -30.10
CA GLU A 49 -6.77 5.24 -30.19
C GLU A 49 -7.14 6.52 -29.45
N GLU A 50 -8.43 6.69 -29.20
CA GLU A 50 -8.91 7.84 -28.45
C GLU A 50 -8.68 7.61 -26.95
N LEU A 51 -8.87 6.36 -26.51
CA LEU A 51 -8.53 5.99 -25.14
C LEU A 51 -7.03 5.96 -24.91
N HIS A 52 -6.27 5.57 -25.93
CA HIS A 52 -4.82 5.59 -25.83
C HIS A 52 -4.30 7.01 -25.64
N LYS A 53 -4.85 7.93 -26.44
CA LYS A 53 -4.46 9.34 -26.44
C LYS A 53 -4.75 10.02 -25.10
N GLU A 54 -5.99 9.89 -24.64
CA GLU A 54 -6.40 10.52 -23.39
C GLU A 54 -5.60 10.04 -22.19
N VAL A 55 -5.23 8.77 -22.22
CA VAL A 55 -4.52 8.15 -21.11
C VAL A 55 -3.06 8.52 -21.14
N GLN A 56 -2.49 8.59 -22.34
CA GLN A 56 -1.07 8.82 -22.48
C GLN A 56 -0.67 10.27 -22.20
N GLU A 57 -1.65 11.18 -22.16
CA GLU A 57 -1.32 12.53 -21.72
C GLU A 57 -1.73 12.70 -20.26
N ALA A 58 -2.66 11.86 -19.81
CA ALA A 58 -2.99 11.80 -18.40
C ALA A 58 -1.76 11.37 -17.61
N PHE A 59 -0.92 10.53 -18.22
CA PHE A 59 0.38 10.12 -17.65
C PHE A 59 1.32 11.32 -17.58
N LEU A 60 1.59 11.92 -18.74
CA LEU A 60 2.40 13.14 -18.84
C LEU A 60 1.82 14.29 -18.02
N THR A 61 0.51 14.52 -18.12
CA THR A 61 -0.12 15.56 -17.33
C THR A 61 0.33 15.41 -15.88
N LEU A 62 0.23 14.17 -15.38
CA LEU A 62 0.65 13.83 -14.01
C LEU A 62 2.16 13.84 -13.85
N HIS A 63 2.90 13.67 -14.93
CA HIS A 63 4.32 13.60 -14.74
C HIS A 63 4.93 15.01 -14.79
N LYS A 64 4.28 15.92 -15.54
CA LYS A 64 4.69 17.33 -15.62
C LYS A 64 4.53 18.05 -14.29
N HIS A 65 3.36 17.86 -13.68
CA HIS A 65 3.02 18.44 -12.39
C HIS A 65 3.88 17.84 -11.29
N GLY A 66 4.67 16.82 -11.66
CA GLY A 66 5.55 16.10 -10.75
C GLY A 66 4.96 15.32 -9.58
N CYS A 67 3.80 14.72 -9.79
CA CYS A 67 3.13 13.92 -8.75
C CYS A 67 3.86 12.65 -8.25
N LEU A 68 4.48 11.90 -9.16
CA LEU A 68 5.05 10.59 -8.85
C LEU A 68 6.24 10.64 -7.89
N PHE A 69 6.41 9.61 -7.05
CA PHE A 69 7.49 9.64 -6.07
C PHE A 69 8.11 8.26 -5.83
N ARG A 70 9.42 8.23 -5.71
CA ARG A 70 10.04 6.99 -5.33
C ARG A 70 9.61 6.76 -3.89
N ASP A 71 9.37 5.50 -3.52
CA ASP A 71 8.90 5.21 -2.17
C ASP A 71 9.99 4.71 -1.27
N LEU A 72 10.00 5.23 -0.04
CA LEU A 72 10.92 4.72 0.97
C LEU A 72 10.22 3.59 1.73
N VAL A 73 10.51 2.38 1.26
CA VAL A 73 9.90 1.12 1.70
C VAL A 73 10.76 0.52 2.80
N ARG A 74 10.37 -0.65 3.29
CA ARG A 74 11.21 -1.43 4.19
C ARG A 74 10.95 -2.95 4.09
N ILE A 75 11.91 -3.66 3.54
CA ILE A 75 11.76 -5.08 3.28
C ILE A 75 12.67 -5.84 4.22
N GLN A 76 12.10 -6.81 4.94
CA GLN A 76 12.85 -7.46 6.00
C GLN A 76 13.25 -6.35 6.98
N GLY A 77 14.52 -6.28 7.33
CA GLY A 77 15.01 -5.23 8.21
C GLY A 77 15.61 -4.02 7.52
N LYS A 78 15.61 -3.97 6.19
CA LYS A 78 16.40 -2.95 5.50
C LYS A 78 15.55 -1.92 4.78
N ASP A 79 15.86 -0.62 4.94
CA ASP A 79 15.18 0.46 4.18
C ASP A 79 15.70 0.61 2.74
N LEU A 80 14.80 0.64 1.78
CA LEU A 80 15.20 0.78 0.38
C LEU A 80 14.34 1.82 -0.33
N LEU A 81 14.90 2.49 -1.33
CA LEU A 81 14.10 3.30 -2.23
C LEU A 81 13.68 2.44 -3.43
N THR A 82 12.44 2.66 -3.88
CA THR A 82 11.93 1.90 -5.01
C THR A 82 12.48 2.51 -6.31
N PRO A 83 12.93 1.67 -7.24
CA PRO A 83 13.52 2.26 -8.44
C PRO A 83 12.46 3.06 -9.19
N VAL A 84 11.23 2.60 -9.10
CA VAL A 84 10.12 3.17 -9.84
C VAL A 84 9.49 4.35 -9.08
N SER A 85 9.14 5.42 -9.80
CA SER A 85 8.27 6.44 -9.23
C SER A 85 6.81 5.94 -9.26
N ARG A 86 6.02 6.31 -8.27
CA ARG A 86 4.69 5.74 -8.14
C ARG A 86 3.62 6.74 -7.65
N ILE A 87 2.42 6.67 -8.22
CA ILE A 87 1.32 7.40 -7.61
C ILE A 87 0.09 6.52 -7.61
N LEU A 88 -0.78 6.72 -6.63
CA LEU A 88 -1.96 5.89 -6.47
C LEU A 88 -3.25 6.70 -6.61
N ILE A 89 -4.04 6.36 -7.62
CA ILE A 89 -5.32 7.03 -7.90
C ILE A 89 -6.49 6.11 -7.56
N GLY A 90 -7.45 6.52 -6.76
CA GLY A 90 -8.52 5.58 -6.49
C GLY A 90 -9.69 6.10 -5.68
N ASN A 91 -10.65 5.23 -5.40
CA ASN A 91 -11.72 5.55 -4.45
C ASN A 91 -11.33 6.46 -3.33
N PRO A 92 -12.06 7.58 -3.19
CA PRO A 92 -11.59 8.57 -2.23
C PRO A 92 -11.70 7.96 -0.84
N GLY A 93 -10.64 8.08 -0.03
CA GLY A 93 -10.66 7.54 1.32
C GLY A 93 -10.02 6.17 1.44
N CYS A 94 -9.69 5.53 0.30
CA CYS A 94 -9.13 4.17 0.23
C CYS A 94 -7.58 4.17 0.26
N THR A 95 -6.98 3.09 0.72
CA THR A 95 -5.52 3.04 0.77
C THR A 95 -4.97 1.66 0.40
N TYR A 96 -3.77 1.64 -0.17
CA TYR A 96 -3.08 0.40 -0.55
C TYR A 96 -1.74 0.25 0.18
N LYS A 97 -1.67 -0.67 1.15
CA LYS A 97 -0.47 -0.90 1.95
C LYS A 97 0.41 -2.04 1.41
N TYR A 98 1.65 -1.74 1.07
CA TYR A 98 2.56 -2.79 0.67
C TYR A 98 3.93 -2.47 1.20
N LEU A 99 4.70 -3.51 1.54
CA LEU A 99 6.07 -3.35 2.02
C LEU A 99 6.15 -2.58 3.33
N ASN A 100 5.10 -2.65 4.12
CA ASN A 100 5.04 -1.95 5.39
C ASN A 100 4.76 -0.47 5.18
N THR A 101 4.45 -0.12 3.94
CA THR A 101 4.18 1.27 3.58
C THR A 101 2.76 1.41 3.01
N ARG A 102 2.03 2.38 3.52
CA ARG A 102 0.66 2.62 3.06
C ARG A 102 0.64 3.82 2.10
N LEU A 103 0.14 3.61 0.89
CA LEU A 103 -0.15 4.75 0.03
C LEU A 103 -1.59 5.22 0.26
N PHE A 104 -1.81 6.52 0.12
CA PHE A 104 -3.16 7.09 0.16
C PHE A 104 -3.59 7.52 -1.23
N THR A 105 -4.87 7.34 -1.56
CA THR A 105 -5.37 7.64 -2.90
C THR A 105 -5.48 9.14 -3.23
N VAL A 106 -4.84 9.55 -4.32
CA VAL A 106 -5.25 10.76 -5.02
C VAL A 106 -6.58 10.41 -5.69
N PRO A 107 -7.70 10.98 -5.22
CA PRO A 107 -9.01 10.46 -5.61
C PRO A 107 -9.41 10.70 -7.06
N TRP A 108 -10.18 9.77 -7.62
CA TRP A 108 -10.72 9.95 -8.97
C TRP A 108 -12.23 10.23 -8.95
N PRO A 109 -12.71 10.79 -10.08
CA PRO A 109 -14.04 11.43 -10.16
C PRO A 109 -15.17 10.43 -10.24
N VAL A 110 -15.29 9.52 -9.27
CA VAL A 110 -16.43 8.61 -9.24
C VAL A 110 -17.54 9.23 -8.39
N LYS A 111 -18.45 8.38 -7.91
CA LYS A 111 -19.58 8.83 -7.09
C LYS A 111 -19.12 9.83 -6.02
N GLY A 112 -19.74 11.01 -6.00
CA GLY A 112 -19.28 12.09 -5.15
C GLY A 112 -18.07 12.80 -5.76
N GLU A 119 -5.56 20.61 -9.26
CA GLU A 119 -5.53 21.50 -10.42
C GLU A 119 -6.62 21.13 -11.42
N ALA A 120 -6.63 21.83 -12.54
CA ALA A 120 -7.55 21.52 -13.63
C ALA A 120 -7.11 20.22 -14.29
N GLU A 121 -5.83 20.17 -14.63
CA GLU A 121 -5.18 19.01 -15.24
C GLU A 121 -5.35 17.74 -14.42
N ILE A 122 -4.95 17.81 -13.15
CA ILE A 122 -5.05 16.66 -12.26
C ILE A 122 -6.47 16.12 -12.22
N ALA A 123 -7.46 16.99 -12.00
CA ALA A 123 -8.87 16.58 -11.92
C ALA A 123 -9.31 15.71 -13.11
N ALA A 124 -8.73 15.98 -14.28
CA ALA A 124 -9.06 15.27 -15.51
C ALA A 124 -8.17 14.04 -15.70
N ALA A 125 -6.93 14.10 -15.21
CA ALA A 125 -6.02 12.96 -15.27
C ALA A 125 -6.58 11.81 -14.45
N CYS A 126 -6.82 12.07 -13.15
CA CYS A 126 -7.44 11.06 -12.28
C CYS A 126 -8.73 10.55 -12.91
N GLU A 127 -9.40 11.42 -13.64
CA GLU A 127 -10.65 11.05 -14.30
C GLU A 127 -10.42 10.03 -15.40
N THR A 128 -9.46 10.32 -16.28
CA THR A 128 -9.11 9.43 -17.39
C THR A 128 -8.96 8.00 -16.89
N PHE A 129 -8.10 7.81 -15.90
CA PHE A 129 -7.83 6.47 -15.41
C PHE A 129 -9.08 5.80 -14.92
N LEU A 130 -9.99 6.58 -14.32
CA LEU A 130 -11.28 6.04 -13.94
C LEU A 130 -12.00 5.49 -15.17
N LYS A 131 -11.81 6.15 -16.31
CA LYS A 131 -12.31 5.61 -17.58
C LYS A 131 -11.52 4.36 -17.94
N LEU A 132 -10.19 4.48 -17.92
CA LEU A 132 -9.29 3.34 -18.11
C LEU A 132 -9.70 2.19 -17.21
N ASN A 133 -9.84 2.52 -15.93
CA ASN A 133 -10.27 1.56 -14.93
C ASN A 133 -11.60 0.87 -15.25
N ASP A 134 -12.55 1.62 -15.77
CA ASP A 134 -13.84 1.01 -16.09
C ASP A 134 -13.76 0.15 -17.35
N TYR A 135 -12.96 0.58 -18.33
CA TYR A 135 -12.70 -0.22 -19.53
C TYR A 135 -12.08 -1.56 -19.18
N LEU A 136 -10.99 -1.52 -18.41
CA LEU A 136 -10.30 -2.74 -18.03
C LEU A 136 -11.23 -3.67 -17.26
N GLN A 137 -12.05 -3.10 -16.39
CA GLN A 137 -12.92 -3.90 -15.53
C GLN A 137 -13.84 -4.79 -16.37
N ILE A 138 -14.34 -4.22 -17.46
CA ILE A 138 -15.16 -4.96 -18.43
C ILE A 138 -14.36 -6.07 -19.08
N GLU A 139 -13.15 -5.74 -19.54
CA GLU A 139 -12.26 -6.73 -20.15
C GLU A 139 -12.00 -7.88 -19.18
N THR A 140 -11.74 -7.55 -17.91
CA THR A 140 -11.41 -8.57 -16.92
C THR A 140 -12.58 -9.54 -16.67
N ILE A 141 -13.81 -9.02 -16.67
CA ILE A 141 -14.97 -9.88 -16.47
C ILE A 141 -15.15 -10.94 -17.59
N GLN A 142 -15.00 -10.55 -18.87
CA GLN A 142 -15.22 -11.54 -19.94
C GLN A 142 -14.09 -12.57 -19.95
N ALA A 143 -12.86 -12.12 -19.73
CA ALA A 143 -11.73 -13.02 -19.55
C ALA A 143 -12.01 -14.05 -18.46
N LEU A 144 -12.63 -13.62 -17.38
CA LEU A 144 -12.86 -14.49 -16.22
C LEU A 144 -14.10 -15.36 -16.44
N GLU A 145 -14.96 -14.91 -17.34
CA GLU A 145 -16.13 -15.68 -17.71
C GLU A 145 -15.69 -16.74 -18.71
N GLU A 146 -14.76 -16.36 -19.56
CA GLU A 146 -14.15 -17.29 -20.50
C GLU A 146 -13.19 -18.26 -19.84
N LEU A 147 -12.76 -17.97 -18.62
CA LEU A 147 -11.83 -18.84 -17.90
C LEU A 147 -12.58 -19.91 -17.10
N ALA A 148 -13.74 -19.54 -16.57
CA ALA A 148 -14.62 -20.50 -15.91
C ALA A 148 -15.26 -21.43 -16.96
N ALA A 149 -15.42 -20.93 -18.19
CA ALA A 149 -16.04 -21.69 -19.28
C ALA A 149 -15.14 -22.79 -19.85
N LYS A 150 -13.84 -22.53 -19.98
CA LYS A 150 -12.88 -23.56 -20.38
C LYS A 150 -12.85 -24.64 -19.31
N GLU A 151 -13.13 -24.23 -18.08
CA GLU A 151 -13.12 -25.15 -16.93
C GLU A 151 -14.51 -25.72 -16.64
N LYS A 152 -15.35 -25.82 -17.67
CA LYS A 152 -16.61 -26.54 -17.54
C LYS A 152 -16.72 -27.63 -18.62
N ALA A 153 -15.94 -27.47 -19.68
CA ALA A 153 -15.99 -28.35 -20.84
C ALA A 153 -15.05 -29.55 -20.68
N ASN A 154 -14.45 -29.68 -19.50
CA ASN A 154 -13.42 -30.69 -19.26
C ASN A 154 -13.79 -31.68 -18.13
N GLU A 155 -14.09 -31.13 -16.94
CA GLU A 155 -14.46 -31.93 -15.78
C GLU A 155 -15.84 -31.55 -15.24
N ASP A 179 -19.97 -18.93 -9.52
CA ASP A 179 -20.89 -17.82 -9.29
C ASP A 179 -20.36 -16.54 -9.98
N GLU A 180 -21.26 -15.82 -10.66
CA GLU A 180 -20.85 -14.66 -11.47
C GLU A 180 -20.87 -13.33 -10.70
N VAL A 181 -21.05 -13.39 -9.38
CA VAL A 181 -20.86 -12.20 -8.58
C VAL A 181 -19.46 -12.23 -7.93
N ASP A 182 -18.98 -13.44 -7.63
CA ASP A 182 -17.58 -13.63 -7.30
C ASP A 182 -16.70 -13.03 -8.39
N ILE A 183 -17.10 -13.27 -9.64
CA ILE A 183 -16.29 -12.84 -10.76
C ILE A 183 -16.32 -11.32 -10.91
N LYS A 184 -17.47 -10.72 -10.63
CA LYS A 184 -17.60 -9.25 -10.71
C LYS A 184 -16.81 -8.57 -9.58
N SER A 185 -16.79 -9.20 -8.41
CA SER A 185 -16.09 -8.68 -7.24
C SER A 185 -14.56 -8.79 -7.35
N ARG A 186 -14.07 -9.83 -8.02
CA ARG A 186 -12.63 -10.00 -8.24
C ARG A 186 -12.11 -9.09 -9.36
N ALA A 187 -13.02 -8.30 -9.95
CA ALA A 187 -12.66 -7.35 -11.01
C ALA A 187 -13.03 -5.89 -10.66
N ALA A 188 -13.59 -5.66 -9.46
CA ALA A 188 -13.97 -4.31 -9.01
C ALA A 188 -12.76 -3.52 -8.56
N TYR A 189 -11.89 -3.17 -9.49
CA TYR A 189 -10.70 -2.40 -9.14
C TYR A 189 -11.08 -1.11 -8.43
N ASN A 190 -10.62 -0.95 -7.19
CA ASN A 190 -10.89 0.30 -6.50
C ASN A 190 -9.69 1.30 -6.55
N VAL A 191 -8.53 0.86 -7.04
CA VAL A 191 -7.34 1.72 -7.18
C VAL A 191 -6.40 1.28 -8.29
N THR A 192 -5.57 2.21 -8.75
CA THR A 192 -4.55 1.95 -9.73
C THR A 192 -3.26 2.58 -9.26
N LEU A 193 -2.19 1.81 -9.27
CA LEU A 193 -0.88 2.33 -8.90
C LEU A 193 -0.14 2.64 -10.20
N LEU A 194 -0.02 3.94 -10.54
CA LEU A 194 0.73 4.36 -11.74
C LEU A 194 2.20 4.24 -11.43
N ASN A 195 2.94 3.67 -12.37
CA ASN A 195 4.36 3.42 -12.23
C ASN A 195 5.10 4.16 -13.33
N PHE A 196 6.21 4.82 -12.98
CA PHE A 196 7.06 5.42 -14.02
C PHE A 196 8.51 5.06 -13.84
N MET A 197 9.20 4.85 -14.96
CA MET A 197 10.66 4.83 -14.97
C MET A 197 11.26 5.26 -16.30
N ASP A 198 12.30 6.09 -16.20
CA ASP A 198 13.20 6.46 -17.30
C ASP A 198 14.50 5.67 -17.15
N PRO A 199 14.66 4.56 -17.92
CA PRO A 199 15.85 3.71 -17.71
C PRO A 199 17.20 4.46 -17.83
N GLN A 200 17.24 5.62 -18.50
CA GLN A 200 18.49 6.38 -18.69
C GLN A 200 18.86 7.25 -17.48
N LYS A 201 17.88 7.97 -16.94
CA LYS A 201 18.09 8.78 -15.73
C LYS A 201 18.20 7.93 -14.46
N MET A 202 18.05 6.61 -14.61
CA MET A 202 18.05 5.64 -13.50
C MET A 202 18.68 4.30 -13.94
N PRO A 203 20.00 4.30 -14.18
CA PRO A 203 20.76 3.13 -14.65
C PRO A 203 21.38 2.28 -13.52
N TYR A 204 20.64 2.13 -12.42
CA TYR A 204 21.04 1.26 -11.33
C TYR A 204 20.05 0.10 -11.18
N LEU A 205 20.31 -0.95 -11.96
CA LEU A 205 19.40 -2.08 -12.09
C LEU A 205 20.11 -3.42 -11.82
N LYS A 206 19.39 -4.28 -11.10
CA LYS A 206 19.83 -5.62 -10.74
C LYS A 206 19.65 -6.53 -11.96
N GLU A 207 20.40 -7.62 -12.05
CA GLU A 207 20.11 -8.54 -13.14
C GLU A 207 19.28 -9.75 -12.64
N GLU A 208 18.42 -10.24 -13.54
CA GLU A 208 17.51 -11.32 -13.23
C GLU A 208 18.33 -12.61 -13.10
N PRO A 209 18.26 -13.26 -11.92
CA PRO A 209 19.32 -14.20 -11.56
C PRO A 209 19.05 -15.67 -11.91
N TYR A 210 17.80 -16.03 -12.14
CA TYR A 210 17.47 -17.44 -12.30
C TYR A 210 17.46 -17.86 -13.77
N PHE A 211 17.19 -16.91 -14.65
CA PHE A 211 16.93 -17.24 -16.03
C PHE A 211 17.69 -16.36 -17.02
N GLY A 212 18.37 -15.33 -16.51
CA GLY A 212 19.04 -14.35 -17.35
C GLY A 212 18.12 -13.51 -18.22
N MET A 213 17.14 -12.86 -17.61
CA MET A 213 16.17 -12.06 -18.37
C MET A 213 16.64 -10.61 -18.56
N GLY A 214 17.83 -10.30 -18.11
CA GLY A 214 18.29 -8.93 -18.27
C GLY A 214 18.01 -8.16 -17.01
N LYS A 215 18.09 -6.84 -17.11
CA LYS A 215 18.00 -6.00 -15.93
C LYS A 215 16.53 -5.78 -15.57
N MET A 216 16.28 -5.57 -14.28
CA MET A 216 14.93 -5.46 -13.76
C MET A 216 14.64 -4.08 -13.19
N ALA A 217 13.55 -3.49 -13.64
CA ALA A 217 13.03 -2.28 -13.04
C ALA A 217 12.26 -2.60 -11.74
N VAL A 218 11.77 -3.84 -11.61
CA VAL A 218 11.06 -4.29 -10.40
C VAL A 218 11.40 -5.76 -10.14
N SER A 219 11.92 -6.06 -8.95
CA SER A 219 12.38 -7.41 -8.64
C SER A 219 11.23 -8.44 -8.39
N TRP A 220 11.52 -9.72 -8.62
CA TRP A 220 10.58 -10.81 -8.32
C TRP A 220 9.80 -10.60 -7.02
N HIS A 221 8.48 -10.81 -7.08
CA HIS A 221 7.62 -10.53 -5.94
C HIS A 221 6.18 -11.06 -6.22
N HIS A 222 5.39 -11.25 -5.15
CA HIS A 222 3.94 -11.41 -5.31
C HIS A 222 3.35 -10.05 -4.98
N ASP A 223 2.20 -9.70 -5.55
CA ASP A 223 1.47 -8.48 -5.15
C ASP A 223 0.79 -8.61 -3.80
N GLU A 224 1.13 -7.72 -2.84
CA GLU A 224 0.47 -7.74 -1.52
C GLU A 224 -0.93 -7.08 -1.48
N ASN A 225 -1.73 -7.50 -0.51
CA ASN A 225 -2.89 -6.73 -0.08
C ASN A 225 -3.97 -6.64 -1.15
N LEU A 226 -4.19 -7.76 -1.84
CA LEU A 226 -5.26 -7.82 -2.80
C LEU A 226 -6.37 -8.71 -2.25
N VAL A 227 -7.57 -8.44 -2.72
CA VAL A 227 -8.70 -9.28 -2.43
C VAL A 227 -8.34 -10.66 -2.99
N ASP A 228 -8.72 -11.70 -2.27
CA ASP A 228 -8.39 -13.08 -2.65
C ASP A 228 -8.93 -13.43 -4.02
N ARG A 229 -8.07 -14.02 -4.86
CA ARG A 229 -8.43 -14.38 -6.22
C ARG A 229 -8.80 -13.17 -7.08
N SER A 230 -8.51 -11.96 -6.61
CA SER A 230 -8.93 -10.79 -7.38
C SER A 230 -7.92 -10.56 -8.49
N ALA A 231 -8.36 -9.93 -9.57
CA ALA A 231 -7.53 -9.80 -10.77
C ALA A 231 -6.72 -8.51 -10.72
N VAL A 232 -5.64 -8.50 -11.49
CA VAL A 232 -4.83 -7.30 -11.66
C VAL A 232 -4.67 -7.03 -13.15
N ALA A 233 -4.98 -5.80 -13.57
CA ALA A 233 -4.94 -5.44 -14.99
C ALA A 233 -3.99 -4.27 -15.20
N VAL A 234 -3.10 -4.40 -16.19
CA VAL A 234 -2.06 -3.39 -16.39
C VAL A 234 -1.98 -2.81 -17.83
N TYR A 235 -2.02 -1.47 -17.95
CA TYR A 235 -1.75 -0.78 -19.23
C TYR A 235 -0.30 -0.32 -19.26
N SER A 236 0.45 -0.84 -20.22
CA SER A 236 1.89 -0.57 -20.34
C SER A 236 2.20 0.40 -21.48
N TYR A 237 3.00 1.41 -21.16
CA TYR A 237 3.20 2.53 -22.06
C TYR A 237 4.69 2.88 -22.13
N SER A 238 5.38 2.32 -23.12
CA SER A 238 6.80 2.62 -23.33
C SER A 238 7.02 3.56 -24.53
N CYS A 239 8.21 4.15 -24.60
CA CYS A 239 8.61 4.95 -25.75
C CYS A 239 9.15 3.98 -26.80
N GLU A 240 9.24 4.45 -28.05
CA GLU A 240 9.78 3.71 -29.22
C GLU A 240 10.03 2.20 -29.04
N LEU A 252 20.59 -13.60 -32.84
CA LEU A 252 20.26 -12.91 -31.58
C LEU A 252 19.45 -13.78 -30.62
N GLU A 253 20.10 -14.28 -29.57
CA GLU A 253 19.44 -15.17 -28.60
C GLU A 253 19.13 -14.42 -27.30
N GLY A 254 18.13 -14.91 -26.56
CA GLY A 254 17.67 -14.27 -25.33
C GLY A 254 16.45 -13.37 -25.53
N ARG A 255 16.20 -12.47 -24.57
CA ARG A 255 15.16 -11.46 -24.72
C ARG A 255 15.81 -10.15 -25.17
N ASP A 256 15.05 -9.36 -25.90
CA ASP A 256 15.48 -8.07 -26.46
C ASP A 256 15.62 -7.01 -25.37
N PRO A 257 16.87 -6.62 -25.03
CA PRO A 257 17.01 -5.69 -23.90
C PRO A 257 16.57 -4.24 -24.16
N ASP A 258 16.09 -3.89 -25.35
CA ASP A 258 15.61 -2.51 -25.62
C ASP A 258 14.09 -2.35 -25.37
N ILE A 259 13.40 -3.48 -25.25
CA ILE A 259 11.94 -3.48 -25.17
C ILE A 259 11.47 -3.93 -23.78
N TRP A 260 10.33 -3.44 -23.32
CA TRP A 260 9.87 -3.79 -21.98
C TRP A 260 9.12 -5.14 -21.90
N HIS A 261 9.40 -5.89 -20.83
CA HIS A 261 8.73 -7.16 -20.54
C HIS A 261 8.13 -7.27 -19.13
N VAL A 262 7.28 -8.26 -18.94
CA VAL A 262 6.86 -8.69 -17.63
C VAL A 262 7.31 -10.14 -17.53
N GLY A 263 8.01 -10.49 -16.45
CA GLY A 263 8.48 -11.84 -16.27
C GLY A 263 7.53 -12.63 -15.40
N PHE A 264 7.60 -13.95 -15.50
CA PHE A 264 6.75 -14.84 -14.68
C PHE A 264 7.47 -16.14 -14.38
N LYS A 265 7.40 -16.59 -13.13
CA LYS A 265 7.95 -17.88 -12.76
C LYS A 265 6.97 -18.54 -11.77
N ILE A 266 6.91 -19.88 -11.77
CA ILE A 266 6.24 -20.62 -10.71
C ILE A 266 6.96 -20.36 -9.40
N SER A 267 6.22 -20.23 -8.30
CA SER A 267 6.87 -20.03 -7.01
C SER A 267 7.83 -21.17 -6.69
N TRP A 268 8.88 -20.86 -5.94
CA TRP A 268 9.84 -21.87 -5.49
C TRP A 268 10.57 -22.58 -6.63
N ASP A 269 10.33 -22.16 -7.87
CA ASP A 269 10.75 -22.97 -9.01
C ASP A 269 11.55 -22.15 -10.00
N ILE A 270 12.86 -22.43 -10.03
CA ILE A 270 13.75 -21.78 -10.96
C ILE A 270 14.29 -22.79 -11.95
N GLU A 271 13.46 -23.78 -12.24
CA GLU A 271 13.79 -24.81 -13.20
C GLU A 271 12.87 -24.74 -14.40
N THR A 272 11.57 -24.84 -14.13
CA THR A 272 10.60 -24.56 -15.17
C THR A 272 11.00 -23.20 -15.78
N PRO A 273 11.11 -23.15 -17.12
CA PRO A 273 11.50 -21.91 -17.81
C PRO A 273 10.55 -20.77 -17.52
N GLY A 274 11.09 -19.61 -17.11
CA GLY A 274 10.31 -18.41 -16.89
C GLY A 274 9.61 -17.98 -18.17
N LEU A 275 8.65 -17.07 -18.08
CA LEU A 275 8.15 -16.43 -19.30
C LEU A 275 8.64 -14.99 -19.30
N ALA A 276 8.70 -14.42 -20.50
CA ALA A 276 9.09 -13.02 -20.66
C ALA A 276 8.24 -12.37 -21.74
N ILE A 277 7.15 -11.70 -21.34
CA ILE A 277 6.21 -11.08 -22.28
C ILE A 277 6.64 -9.69 -22.78
N PRO A 278 6.76 -9.53 -24.09
CA PRO A 278 7.09 -8.19 -24.60
C PRO A 278 5.92 -7.20 -24.48
N LEU A 279 6.18 -6.00 -23.96
CA LEU A 279 5.15 -4.96 -23.81
C LEU A 279 5.43 -3.71 -24.66
N HIS A 280 4.51 -3.41 -25.58
CA HIS A 280 4.71 -2.32 -26.55
C HIS A 280 3.58 -1.31 -26.58
N GLN A 281 3.78 -0.14 -26.00
CA GLN A 281 2.94 1.01 -26.33
C GLN A 281 1.42 0.79 -26.23
N GLY A 282 0.91 0.55 -25.04
CA GLY A 282 -0.52 0.38 -24.88
C GLY A 282 -0.92 -1.09 -24.85
N ASP A 283 0.05 -1.96 -24.61
CA ASP A 283 -0.25 -3.36 -24.34
C ASP A 283 -0.86 -3.52 -22.94
N CYS A 284 -1.66 -4.55 -22.77
CA CYS A 284 -2.27 -4.84 -21.48
C CYS A 284 -2.07 -6.30 -21.15
N TYR A 285 -1.84 -6.58 -19.89
CA TYR A 285 -1.83 -7.96 -19.48
C TYR A 285 -2.68 -8.06 -18.23
N PHE A 286 -3.16 -9.26 -17.95
CA PHE A 286 -4.09 -9.45 -16.86
C PHE A 286 -3.63 -10.65 -16.05
N MET A 287 -3.47 -10.47 -14.74
CA MET A 287 -3.27 -11.61 -13.85
C MET A 287 -4.63 -12.10 -13.31
N LEU A 288 -5.04 -13.27 -13.75
CA LEU A 288 -6.31 -13.82 -13.32
C LEU A 288 -6.19 -14.66 -12.07
N ASP A 289 -7.19 -14.54 -11.20
CA ASP A 289 -7.47 -15.57 -10.21
C ASP A 289 -6.26 -15.82 -9.32
N ASP A 290 -5.83 -17.07 -9.22
CA ASP A 290 -4.81 -17.40 -8.24
C ASP A 290 -3.41 -17.13 -8.77
N LEU A 291 -3.31 -16.53 -9.95
CA LEU A 291 -2.02 -16.35 -10.61
C LEU A 291 -1.02 -15.66 -9.69
N ASN A 292 -1.41 -14.52 -9.13
CA ASN A 292 -0.47 -13.74 -8.33
C ASN A 292 -0.04 -14.50 -7.04
N ALA A 293 -0.75 -15.56 -6.69
CA ALA A 293 -0.39 -16.36 -5.50
C ALA A 293 0.40 -17.65 -5.86
N THR A 294 0.14 -18.21 -7.04
CA THR A 294 0.88 -19.37 -7.53
C THR A 294 2.20 -18.98 -8.22
N HIS A 295 2.23 -17.79 -8.83
CA HIS A 295 3.39 -17.32 -9.57
C HIS A 295 4.00 -16.07 -8.95
N GLN A 296 5.33 -15.96 -9.01
CA GLN A 296 6.00 -14.69 -8.78
C GLN A 296 5.98 -13.92 -10.11
N HIS A 297 6.09 -12.59 -10.07
CA HIS A 297 6.36 -11.84 -11.31
C HIS A 297 7.35 -10.67 -11.14
N CYS A 298 7.93 -10.26 -12.27
CA CYS A 298 8.81 -9.09 -12.28
C CYS A 298 8.54 -8.23 -13.49
N VAL A 299 9.18 -7.06 -13.50
CA VAL A 299 9.27 -6.23 -14.71
C VAL A 299 10.70 -6.17 -15.27
N LEU A 300 10.83 -6.30 -16.60
CA LEU A 300 12.13 -6.26 -17.26
C LEU A 300 12.31 -4.92 -17.99
N ALA A 301 13.38 -4.20 -17.64
CA ALA A 301 13.54 -2.85 -18.14
C ALA A 301 13.89 -2.87 -19.64
N GLY A 302 13.24 -1.97 -20.38
CA GLY A 302 13.57 -1.73 -21.77
C GLY A 302 14.58 -0.60 -21.82
N SER A 303 14.69 0.03 -22.99
CA SER A 303 15.65 1.10 -23.18
C SER A 303 14.98 2.46 -22.99
N GLN A 304 13.71 2.53 -23.37
CA GLN A 304 12.98 3.78 -23.31
C GLN A 304 12.21 3.95 -22.00
N PRO A 305 11.90 5.21 -21.66
CA PRO A 305 11.02 5.52 -20.52
C PRO A 305 9.71 4.77 -20.62
N ARG A 306 9.04 4.55 -19.50
CA ARG A 306 7.81 3.76 -19.51
C ARG A 306 6.87 4.07 -18.35
N PHE A 307 5.60 4.29 -18.66
CA PHE A 307 4.54 4.38 -17.67
C PHE A 307 3.85 3.03 -17.56
N SER A 308 3.24 2.71 -16.40
CA SER A 308 2.30 1.58 -16.32
C SER A 308 1.19 1.93 -15.36
N SER A 309 -0.04 1.61 -15.75
CA SER A 309 -1.19 1.84 -14.88
C SER A 309 -1.73 0.50 -14.40
N THR A 310 -1.46 0.15 -13.14
CA THR A 310 -1.76 -1.19 -12.60
C THR A 310 -3.01 -1.26 -11.67
N HIS A 311 -4.10 -1.84 -12.15
CA HIS A 311 -5.40 -1.74 -11.48
C HIS A 311 -5.71 -2.92 -10.58
N ARG A 312 -6.08 -2.63 -9.33
CA ARG A 312 -6.23 -3.65 -8.28
C ARG A 312 -7.56 -3.65 -7.51
N VAL A 313 -7.87 -4.78 -6.88
CA VAL A 313 -8.89 -4.81 -5.85
C VAL A 313 -8.15 -4.82 -4.54
N ALA A 314 -7.76 -3.64 -4.05
CA ALA A 314 -7.05 -3.52 -2.80
C ALA A 314 -7.95 -3.98 -1.67
N GLU A 315 -7.36 -4.63 -0.69
CA GLU A 315 -8.14 -5.14 0.41
C GLU A 315 -8.07 -4.10 1.54
N CYS A 316 -8.98 -3.15 1.46
CA CYS A 316 -9.00 -1.96 2.32
C CYS A 316 -10.12 -2.04 3.36
N SER A 317 -10.46 -3.26 3.77
CA SER A 317 -11.44 -3.44 4.81
C SER A 317 -11.01 -2.73 6.13
N THR A 318 -9.70 -2.56 6.33
CA THR A 318 -9.19 -1.77 7.46
C THR A 318 -8.28 -0.63 6.94
N GLY A 319 -8.42 -0.34 5.65
CA GLY A 319 -7.55 0.61 4.98
C GLY A 319 -8.30 1.70 4.26
N THR A 320 -9.41 2.13 4.84
CA THR A 320 -10.17 3.26 4.32
C THR A 320 -10.31 4.30 5.42
N LEU A 321 -10.51 5.57 5.02
CA LEU A 321 -10.80 6.62 5.99
C LEU A 321 -12.06 6.33 6.82
N ASP A 322 -13.18 5.96 6.18
CA ASP A 322 -14.44 5.74 6.90
C ASP A 322 -14.24 4.66 7.97
N TYR A 323 -13.39 3.69 7.69
CA TYR A 323 -13.09 2.66 8.69
C TYR A 323 -12.24 3.20 9.84
N ILE A 324 -11.14 3.91 9.56
CA ILE A 324 -10.31 4.28 10.69
C ILE A 324 -10.99 5.37 11.52
N LEU A 325 -11.84 6.19 10.89
CA LEU A 325 -12.64 7.18 11.66
C LEU A 325 -13.49 6.45 12.68
N GLN A 326 -14.18 5.40 12.23
CA GLN A 326 -15.11 4.71 13.09
C GLN A 326 -14.47 4.00 14.27
N ARG A 327 -13.27 3.48 14.08
CA ARG A 327 -12.49 2.96 15.20
C ARG A 327 -12.23 4.03 16.26
N CYS A 328 -11.82 5.23 15.82
CA CYS A 328 -11.64 6.39 16.70
C CYS A 328 -12.95 6.66 17.43
N GLN A 329 -14.03 6.69 16.66
CA GLN A 329 -15.33 7.03 17.22
C GLN A 329 -15.76 5.97 18.21
N LEU A 330 -15.28 4.74 18.05
CA LEU A 330 -15.58 3.68 19.02
C LEU A 330 -14.67 3.79 20.24
N ALA A 331 -13.39 4.08 19.99
CA ALA A 331 -12.43 4.29 21.07
C ALA A 331 -12.94 5.36 22.04
N LEU A 332 -13.52 6.43 21.48
CA LEU A 332 -13.92 7.59 22.23
C LEU A 332 -15.32 7.41 22.84
N GLN A 333 -15.82 6.18 22.78
CA GLN A 333 -17.09 5.88 23.41
C GLN A 333 -16.88 5.76 24.92
N ASN A 334 -15.62 5.71 25.35
CA ASN A 334 -15.26 5.55 26.76
C ASN A 334 -14.91 6.91 27.36
N VAL A 335 -14.91 7.94 26.51
CA VAL A 335 -14.67 9.31 26.94
C VAL A 335 -15.98 10.09 27.26
N CYS A 336 -16.08 10.61 28.49
CA CYS A 336 -17.13 11.56 28.88
C CYS A 336 -17.01 12.78 27.97
N ASP A 337 -17.88 12.88 26.97
CA ASP A 337 -17.61 13.78 25.84
C ASP A 337 -18.48 15.05 25.69
N ASP A 338 -18.76 15.73 26.81
CA ASP A 338 -19.61 16.94 26.81
C ASP A 338 -18.90 18.11 26.13
N VAL A 339 -17.64 18.27 26.46
CA VAL A 339 -16.90 19.37 25.89
C VAL A 339 -15.50 18.92 25.55
N ASP A 340 -14.98 19.41 24.43
CA ASP A 340 -13.60 19.10 24.06
C ASP A 340 -12.61 19.86 24.90
N ASN A 341 -12.22 19.27 26.02
CA ASN A 341 -11.06 19.76 26.73
C ASN A 341 -10.29 18.61 27.40
N ASP A 342 -9.25 18.98 28.12
CA ASP A 342 -8.23 18.02 28.53
C ASP A 342 -8.47 17.52 29.94
N ASP A 343 -9.67 17.77 30.47
CA ASP A 343 -10.15 17.06 31.66
C ASP A 343 -10.74 15.72 31.23
N VAL A 344 -9.94 14.96 30.46
CA VAL A 344 -10.36 13.66 29.93
C VAL A 344 -10.75 12.71 31.05
N SER A 345 -12.03 12.37 31.09
CA SER A 345 -12.54 11.42 32.07
C SER A 345 -13.29 10.30 31.34
N LEU A 346 -13.21 9.10 31.91
CA LEU A 346 -13.68 7.91 31.25
C LEU A 346 -14.86 7.30 32.01
N LYS A 347 -15.88 6.89 31.25
CA LYS A 347 -17.06 6.21 31.80
C LYS A 347 -16.70 4.90 32.51
N SER A 348 -15.87 4.08 31.87
CA SER A 348 -15.56 2.77 32.40
C SER A 348 -14.07 2.54 32.50
N PHE A 349 -13.67 1.72 33.46
CA PHE A 349 -12.33 1.16 33.47
C PHE A 349 -12.42 -0.35 33.39
N GLU A 350 -13.56 -0.86 32.92
CA GLU A 350 -13.63 -2.26 32.50
C GLU A 350 -12.39 -2.51 31.62
N PRO A 351 -11.62 -3.55 31.96
CA PRO A 351 -10.35 -3.92 31.32
C PRO A 351 -10.45 -4.22 29.83
N ALA A 352 -11.60 -4.69 29.35
CA ALA A 352 -11.76 -4.93 27.91
C ALA A 352 -11.95 -3.62 27.13
N VAL A 353 -12.56 -2.63 27.78
CA VAL A 353 -12.75 -1.32 27.15
C VAL A 353 -11.45 -0.55 27.02
N LEU A 354 -10.69 -0.49 28.12
CA LEU A 354 -9.35 0.08 28.13
C LEU A 354 -8.39 -0.57 27.10
N LYS A 355 -8.33 -1.91 27.08
CA LYS A 355 -7.53 -2.63 26.08
C LYS A 355 -7.91 -2.18 24.68
N GLN A 356 -9.21 -2.18 24.37
CA GLN A 356 -9.68 -1.80 23.04
C GLN A 356 -9.35 -0.36 22.74
N GLY A 357 -9.36 0.46 23.78
CA GLY A 357 -9.03 1.86 23.66
C GLY A 357 -7.59 2.03 23.20
N GLU A 358 -6.66 1.50 24.00
CA GLU A 358 -5.25 1.64 23.73
C GLU A 358 -4.85 1.02 22.39
N GLU A 359 -5.59 0.01 21.93
CA GLU A 359 -5.28 -0.60 20.66
C GLU A 359 -5.67 0.25 19.47
N ILE A 360 -6.84 0.90 19.52
CA ILE A 360 -7.26 1.81 18.45
C ILE A 360 -6.29 3.00 18.32
N HIS A 361 -5.85 3.48 19.47
CA HIS A 361 -4.80 4.51 19.63
C HIS A 361 -3.56 4.17 18.80
N ASN A 362 -2.98 2.99 19.05
CA ASN A 362 -1.82 2.55 18.28
C ASN A 362 -2.10 2.55 16.79
N GLU A 363 -3.23 1.96 16.40
CA GLU A 363 -3.63 1.86 14.99
C GLU A 363 -3.67 3.24 14.26
N VAL A 364 -4.28 4.27 14.87
CA VAL A 364 -4.34 5.57 14.20
C VAL A 364 -2.98 6.26 14.12
N GLU A 365 -2.18 6.08 15.19
CA GLU A 365 -0.85 6.68 15.29
C GLU A 365 0.01 6.12 14.18
N PHE A 366 0.28 4.81 14.28
CA PHE A 366 1.26 4.13 13.42
C PHE A 366 0.75 3.74 12.03
N GLU A 367 -0.50 3.27 11.92
CA GLU A 367 -1.07 2.85 10.63
C GLU A 367 -1.57 3.99 9.73
N TRP A 368 -1.78 5.18 10.31
CA TRP A 368 -2.41 6.32 9.60
C TRP A 368 -1.59 7.62 9.67
N LEU A 369 -1.24 8.04 10.89
CA LEU A 369 -0.48 9.29 11.08
C LEU A 369 0.98 9.14 10.67
N ARG A 370 1.70 8.19 11.26
CA ARG A 370 3.12 8.02 10.92
C ARG A 370 3.36 7.62 9.45
N GLN A 371 2.50 6.75 8.93
CA GLN A 371 2.53 6.37 7.52
C GLN A 371 2.30 7.55 6.58
N PHE A 372 1.38 8.45 6.96
CA PHE A 372 1.06 9.59 6.12
C PHE A 372 2.18 10.61 6.17
N TRP A 373 2.73 10.87 7.35
CA TRP A 373 3.73 11.92 7.47
C TRP A 373 5.14 11.41 7.11
N PHE A 374 5.21 10.24 6.52
CA PHE A 374 6.44 9.69 5.96
C PHE A 374 6.51 10.04 4.45
N GLN A 375 5.40 10.57 3.96
CA GLN A 375 5.17 10.87 2.55
C GLN A 375 4.93 12.37 2.35
N ARG A 378 4.35 12.76 1.21
CA ARG A 378 3.97 14.16 1.03
C ARG A 378 2.63 14.33 0.32
N TYR A 379 2.54 13.86 -0.94
CA TYR A 379 1.30 13.84 -1.75
C TYR A 379 0.60 15.22 -1.89
N ARG A 380 1.27 16.25 -1.39
CA ARG A 380 0.80 17.65 -1.43
C ARG A 380 1.31 18.43 -2.67
N LYS A 381 0.84 18.03 -3.85
CA LYS A 381 1.04 18.81 -5.07
C LYS A 381 -0.21 18.76 -5.92
N CYS A 382 -0.46 17.60 -6.52
CA CYS A 382 -1.65 17.36 -7.32
C CYS A 382 -2.95 17.41 -6.52
N THR A 383 -2.92 16.83 -5.32
CA THR A 383 -4.12 16.68 -4.51
C THR A 383 -3.91 17.07 -3.06
N ASP A 384 -5.00 17.45 -2.40
CA ASP A 384 -4.96 17.88 -1.01
C ASP A 384 -6.05 17.21 -0.20
N TRP A 385 -6.66 16.20 -0.82
CA TRP A 385 -7.85 15.56 -0.29
C TRP A 385 -7.70 15.11 1.18
N TRP A 386 -6.48 14.80 1.58
CA TRP A 386 -6.26 14.12 2.85
C TRP A 386 -5.93 15.07 3.99
N CYS A 387 -5.72 16.35 3.68
CA CYS A 387 -5.25 17.34 4.66
C CYS A 387 -6.21 17.58 5.81
N GLN A 388 -7.49 17.69 5.47
CA GLN A 388 -8.52 17.77 6.47
C GLN A 388 -8.60 16.45 7.25
N PRO A 389 -8.82 15.31 6.54
CA PRO A 389 -9.00 14.03 7.24
C PRO A 389 -7.81 13.74 8.14
N MET A 390 -6.62 14.12 7.67
CA MET A 390 -5.42 13.80 8.42
C MET A 390 -5.33 14.70 9.62
N ALA A 391 -5.71 15.95 9.43
CA ALA A 391 -5.68 16.89 10.52
C ALA A 391 -6.72 16.50 11.57
N GLN A 392 -7.77 15.80 11.13
CA GLN A 392 -8.85 15.37 12.01
C GLN A 392 -8.47 14.08 12.75
N LEU A 393 -7.62 13.24 12.15
CA LEU A 393 -7.19 12.03 12.86
C LEU A 393 -6.09 12.39 13.89
N GLU A 394 -5.30 13.41 13.59
CA GLU A 394 -4.38 13.96 14.60
C GLU A 394 -5.15 14.45 15.83
N ALA A 395 -6.36 15.00 15.59
CA ALA A 395 -7.16 15.55 16.69
C ALA A 395 -7.67 14.44 17.61
N LEU A 396 -8.32 13.46 17.01
CA LEU A 396 -8.74 12.21 17.66
C LEU A 396 -7.56 11.49 18.29
N TRP A 397 -6.44 11.39 17.56
CA TRP A 397 -5.26 10.77 18.15
C TRP A 397 -4.86 11.51 19.45
N LYS A 398 -4.84 12.84 19.38
CA LYS A 398 -4.38 13.64 20.51
C LYS A 398 -5.24 13.45 21.75
N LYS A 399 -6.56 13.39 21.58
CA LYS A 399 -7.49 13.16 22.71
C LYS A 399 -7.20 11.82 23.37
N MET A 400 -6.81 10.85 22.55
CA MET A 400 -6.53 9.51 23.05
C MET A 400 -5.31 9.46 23.97
N GLU A 401 -4.30 10.25 23.61
CA GLU A 401 -3.14 10.47 24.48
C GLU A 401 -3.59 10.99 25.85
N GLY A 402 -4.76 11.64 25.84
CA GLY A 402 -5.44 12.04 27.07
C GLY A 402 -6.07 10.87 27.82
N VAL A 403 -6.84 10.05 27.11
CA VAL A 403 -7.36 8.80 27.66
C VAL A 403 -6.28 7.92 28.31
N THR A 404 -5.15 7.79 27.63
CA THR A 404 -4.03 6.99 28.15
C THR A 404 -3.52 7.62 29.43
N ASN A 405 -3.54 8.94 29.44
CA ASN A 405 -3.22 9.68 30.63
C ASN A 405 -4.26 9.37 31.71
N ALA A 406 -5.53 9.41 31.34
CA ALA A 406 -6.60 9.14 32.29
C ALA A 406 -6.41 7.80 32.94
N VAL A 407 -5.92 6.82 32.17
CA VAL A 407 -5.81 5.45 32.66
C VAL A 407 -4.64 5.32 33.59
N LEU A 408 -3.55 6.00 33.24
CA LEU A 408 -2.36 5.96 34.06
C LEU A 408 -2.67 6.56 35.41
N HIS A 409 -3.44 7.65 35.44
CA HIS A 409 -3.92 8.22 36.70
C HIS A 409 -4.79 7.22 37.45
N GLU A 410 -5.70 6.57 36.72
CA GLU A 410 -6.59 5.60 37.34
C GLU A 410 -5.79 4.43 37.93
N VAL A 411 -4.81 3.92 37.16
CA VAL A 411 -3.95 2.81 37.59
C VAL A 411 -3.21 3.12 38.90
N LYS A 412 -3.16 4.39 39.29
CA LYS A 412 -2.32 4.78 40.43
C LYS A 412 -3.09 5.45 41.58
N ARG A 413 -4.39 5.68 41.39
CA ARG A 413 -5.30 6.25 42.41
C ARG A 413 -5.29 5.52 43.76
N GLU A 414 -5.29 6.29 44.86
CA GLU A 414 -5.00 5.77 46.20
C GLU A 414 -5.86 4.56 46.59
N GLY A 415 -7.16 4.66 46.37
CA GLY A 415 -8.09 3.64 46.85
C GLY A 415 -8.54 2.61 45.82
N LEU A 416 -7.61 2.15 44.98
CA LEU A 416 -7.92 1.09 44.03
C LEU A 416 -7.18 -0.18 44.43
N PRO A 417 -7.92 -1.18 44.91
CA PRO A 417 -7.35 -2.45 45.39
C PRO A 417 -6.47 -3.05 44.29
N VAL A 418 -5.20 -3.28 44.60
CA VAL A 418 -4.18 -3.70 43.63
C VAL A 418 -4.67 -4.76 42.62
N GLU A 419 -5.51 -5.70 43.09
CA GLU A 419 -6.07 -6.71 42.21
C GLU A 419 -6.81 -6.12 41.00
N GLN A 420 -7.51 -5.02 41.19
CA GLN A 420 -8.13 -4.31 40.06
C GLN A 420 -7.12 -3.46 39.27
N ARG A 421 -6.02 -3.08 39.90
CA ARG A 421 -4.98 -2.29 39.24
C ARG A 421 -4.06 -3.19 38.44
N ASN A 422 -3.95 -4.44 38.87
CA ASN A 422 -3.21 -5.42 38.12
C ASN A 422 -4.04 -5.87 36.94
N GLU A 423 -5.36 -5.78 37.08
CA GLU A 423 -6.22 -6.16 35.96
C GLU A 423 -6.15 -5.08 34.89
N ILE A 424 -6.31 -3.81 35.28
CA ILE A 424 -6.13 -2.69 34.36
C ILE A 424 -4.75 -2.73 33.69
N LEU A 425 -3.71 -3.13 34.42
CA LEU A 425 -2.36 -3.12 33.88
C LEU A 425 -2.25 -4.15 32.77
N THR A 426 -2.24 -5.41 33.17
CA THR A 426 -2.31 -6.58 32.29
C THR A 426 -3.16 -6.39 31.02
N ALA A 427 -4.23 -5.62 31.12
CA ALA A 427 -5.07 -5.32 29.97
C ALA A 427 -4.41 -4.30 29.01
N ILE A 428 -3.65 -3.35 29.57
CA ILE A 428 -3.08 -2.25 28.76
C ILE A 428 -1.56 -2.34 28.48
N LEU A 429 -0.83 -3.16 29.25
CA LEU A 429 0.63 -3.25 29.14
C LEU A 429 1.15 -3.59 27.71
N ALA A 430 0.61 -4.64 27.10
CA ALA A 430 0.95 -5.00 25.71
C ALA A 430 0.86 -3.83 24.73
N SER A 431 -0.29 -3.16 24.64
CA SER A 431 -0.40 -2.07 23.66
C SER A 431 0.53 -0.89 23.98
N LEU A 432 0.74 -0.61 25.26
CA LEU A 432 1.59 0.51 25.66
C LEU A 432 3.07 0.17 25.44
N THR A 433 3.38 -1.13 25.34
CA THR A 433 4.76 -1.58 25.08
C THR A 433 4.98 -1.74 23.57
N ALA A 434 3.94 -2.18 22.87
CA ALA A 434 3.97 -2.21 21.41
C ALA A 434 4.15 -0.78 20.85
N ARG A 435 3.41 0.14 21.47
CA ARG A 435 3.43 1.56 21.13
C ARG A 435 4.82 2.15 21.24
N GLN A 436 5.53 1.79 22.31
CA GLN A 436 6.92 2.23 22.48
C GLN A 436 7.85 1.69 21.39
N ASN A 437 7.80 0.38 21.17
CA ASN A 437 8.66 -0.29 20.19
C ASN A 437 8.45 0.21 18.77
N LEU A 438 7.23 0.61 18.43
CA LEU A 438 7.01 1.14 17.10
C LEU A 438 7.44 2.62 17.00
N ARG A 439 7.33 3.35 18.12
CA ARG A 439 7.86 4.70 18.16
C ARG A 439 9.37 4.68 17.85
N ARG A 440 10.09 3.71 18.42
CA ARG A 440 11.48 3.51 18.05
C ARG A 440 11.64 3.16 16.56
N GLU A 441 11.00 2.08 16.08
CA GLU A 441 11.17 1.64 14.69
C GLU A 441 10.88 2.76 13.70
N TRP A 442 9.94 3.62 14.06
CA TRP A 442 9.61 4.75 13.23
C TRP A 442 10.68 5.81 13.32
N HIS A 443 10.92 6.30 14.52
CA HIS A 443 11.88 7.36 14.70
C HIS A 443 13.24 6.97 14.15
N ALA A 444 13.53 5.67 14.07
CA ALA A 444 14.77 5.23 13.42
C ALA A 444 14.63 5.28 11.88
N ARG A 445 13.75 4.44 11.33
CA ARG A 445 13.44 4.43 9.90
C ARG A 445 13.23 5.84 9.30
N CYS A 446 12.79 6.78 10.14
CA CYS A 446 12.57 8.18 9.78
C CYS A 446 13.86 8.92 9.59
N GLN A 447 14.74 8.78 10.57
CA GLN A 447 15.99 9.53 10.64
C GLN A 447 17.20 8.64 10.34
N SER A 448 16.97 7.63 9.50
CA SER A 448 18.05 6.97 8.78
C SER A 448 18.54 8.00 7.73
N ARG A 449 19.84 8.34 7.76
CA ARG A 449 20.38 9.44 6.95
C ARG A 449 20.13 9.31 5.43
N ILE A 450 19.48 8.21 5.03
CA ILE A 450 18.94 7.98 3.68
C ILE A 450 17.70 8.84 3.41
N ALA A 451 17.17 9.45 4.48
CA ALA A 451 15.97 10.30 4.36
C ALA A 451 16.30 11.81 4.43
N ARG A 452 17.59 12.11 4.61
CA ARG A 452 18.11 13.47 4.50
C ARG A 452 18.47 13.79 3.04
N THR A 453 18.98 12.78 2.33
CA THR A 453 19.27 12.88 0.91
C THR A 453 18.02 13.33 0.12
N LEU A 454 16.86 12.73 0.42
CA LEU A 454 15.60 13.18 -0.18
C LEU A 454 15.42 14.70 -0.02
N PRO A 455 14.54 15.29 -0.85
CA PRO A 455 14.48 16.75 -0.94
C PRO A 455 13.93 17.41 0.30
N ALA A 456 13.60 18.69 0.16
CA ALA A 456 12.78 19.38 1.13
C ALA A 456 11.32 19.15 0.73
N ASP A 457 11.14 18.30 -0.27
CA ASP A 457 9.82 17.96 -0.81
C ASP A 457 9.47 16.50 -0.54
N LYS A 459 11.57 14.63 1.67
CA LYS A 459 12.16 13.85 2.77
C LYS A 459 11.12 13.62 3.88
N PRO A 460 11.30 12.54 4.68
CA PRO A 460 10.41 12.00 5.73
C PRO A 460 10.31 12.80 7.03
N GLU A 461 9.13 13.34 7.36
CA GLU A 461 8.89 13.93 8.69
C GLU A 461 8.77 12.80 9.73
N CYS A 462 9.20 13.05 10.97
CA CYS A 462 8.96 12.08 12.05
C CYS A 462 7.86 12.59 12.99
N ARG A 463 6.59 12.41 12.57
CA ARG A 463 5.45 13.09 13.18
C ARG A 463 4.19 12.20 13.44
N PRO A 464 3.52 12.37 14.59
CA PRO A 464 3.70 13.45 15.57
C PRO A 464 4.87 13.21 16.52
N TYR A 465 5.65 14.26 16.76
CA TYR A 465 6.76 14.23 17.70
C TYR A 465 6.73 15.48 18.57
N TRP A 466 6.79 15.31 19.88
CA TRP A 466 6.87 16.42 20.82
C TRP A 466 8.06 16.15 21.72
N GLU A 467 8.39 17.09 22.61
CA GLU A 467 9.57 16.93 23.46
C GLU A 467 9.27 17.25 24.92
N LYS A 468 9.77 16.41 25.83
CA LYS A 468 9.38 16.38 27.26
C LYS A 468 9.12 17.74 27.93
N ASP A 469 9.78 18.79 27.45
CA ASP A 469 9.49 20.17 27.86
C ASP A 469 8.49 20.76 26.86
N ASP A 470 7.33 20.12 26.79
CA ASP A 470 6.26 20.53 25.86
C ASP A 470 4.93 20.32 26.55
N ALA A 471 4.57 21.28 27.40
CA ALA A 471 3.36 21.17 28.22
C ALA A 471 2.09 20.87 27.41
N SER A 472 2.17 20.98 26.09
CA SER A 472 0.99 20.71 25.26
C SER A 472 0.68 19.20 25.15
N MET A 473 1.64 18.36 25.48
CA MET A 473 1.44 16.92 25.42
C MET A 473 1.53 16.29 26.82
N PRO A 474 0.41 15.72 27.31
CA PRO A 474 0.18 15.08 28.62
C PRO A 474 1.17 13.96 28.99
N LEU A 475 1.48 13.04 28.08
CA LEU A 475 2.48 12.01 28.36
C LEU A 475 3.71 12.19 27.43
N PRO A 476 4.86 11.66 27.84
CA PRO A 476 6.05 11.86 27.00
C PRO A 476 6.01 10.98 25.76
N PHE A 477 6.84 11.31 24.80
CA PHE A 477 6.94 10.55 23.56
C PHE A 477 7.72 9.25 23.78
N ASP A 478 8.63 9.28 24.75
CA ASP A 478 9.40 8.09 25.12
C ASP A 478 8.88 7.47 26.42
N LEU A 479 8.15 6.36 26.28
CA LEU A 479 7.39 5.80 27.37
C LEU A 479 8.15 4.81 28.24
N THR A 480 9.46 4.70 28.02
CA THR A 480 10.22 3.62 28.64
C THR A 480 10.12 3.62 30.16
N ASP A 481 10.13 4.80 30.76
CA ASP A 481 10.07 4.89 32.21
C ASP A 481 8.67 4.50 32.66
N ILE A 482 7.66 4.97 31.94
CA ILE A 482 6.27 4.64 32.27
C ILE A 482 6.03 3.12 32.16
N VAL A 483 6.51 2.49 31.07
CA VAL A 483 6.28 1.06 30.85
C VAL A 483 7.13 0.15 31.74
N SER A 484 8.38 0.51 32.01
CA SER A 484 9.17 -0.33 32.91
C SER A 484 8.61 -0.21 34.31
N GLU A 485 7.90 0.90 34.55
CA GLU A 485 7.30 1.23 35.84
C GLU A 485 5.99 0.47 36.09
N LEU A 486 5.24 0.24 35.01
CA LEU A 486 4.06 -0.63 34.98
C LEU A 486 4.40 -2.09 35.26
N ARG A 487 5.38 -2.58 34.51
CA ARG A 487 5.88 -3.94 34.64
C ARG A 487 6.41 -4.18 36.06
N GLY A 488 6.92 -3.13 36.71
CA GLY A 488 7.41 -3.25 38.06
C GLY A 488 6.32 -3.63 39.04
N GLN A 489 5.19 -2.92 38.98
CA GLN A 489 4.04 -3.15 39.85
C GLN A 489 3.52 -4.58 39.76
N LEU A 490 3.34 -5.04 38.52
CA LEU A 490 2.81 -6.38 38.26
C LEU A 490 3.64 -7.50 38.89
N LEU A 491 4.95 -7.36 38.84
CA LEU A 491 5.84 -8.34 39.44
C LEU A 491 5.87 -8.22 40.97
N GLU A 492 5.53 -7.05 41.51
CA GLU A 492 5.51 -6.83 42.95
C GLU A 492 4.67 -7.86 43.69
N ALA A 493 5.24 -8.43 44.77
CA ALA A 493 4.61 -9.52 45.51
C ALA A 493 3.17 -9.24 45.91
NI NI B . 3.67 -6.39 -9.11
OAD 640 C . 3.31 -3.79 -15.29
CAU 640 C . 4.06 -3.45 -14.37
OAG 640 C . 4.64 -2.36 -14.39
CAH 640 C . 4.23 -4.35 -13.19
CAI 640 C . 3.80 -3.51 -11.98
CAV 640 C . 3.98 -4.25 -10.70
OAE 640 C . 4.56 -5.34 -10.66
NAS 640 C . 3.43 -3.64 -9.54
NAT 640 C . 3.54 -4.33 -8.34
CAW 640 C . 4.12 -3.69 -7.16
OAF 640 C . 4.48 -2.55 -7.19
CBA 640 C . 4.20 -4.44 -5.88
CAP 640 C . 3.03 -4.64 -5.17
NAR 640 C . 3.04 -5.28 -4.01
CAJ 640 C . 4.20 -5.75 -3.51
CAM 640 C . 5.44 -5.58 -4.16
CAZ 640 C . 5.44 -4.88 -5.38
CAQ 640 C . 6.71 -4.64 -6.26
CAX 640 C . 8.02 -4.27 -5.50
CAK 640 C . 8.27 -2.99 -5.05
CAN 640 C . 9.50 -2.75 -4.45
CAY 640 C . 10.42 -3.77 -4.29
CBB 640 C . 11.80 -3.61 -3.60
CAB 640 C . 12.10 -2.14 -3.54
CAC 640 C . 11.82 -4.24 -2.23
CAA 640 C . 12.93 -4.25 -4.47
CAO 640 C . 10.13 -5.03 -4.76
CAL 640 C . 8.94 -5.29 -5.38
#